data_2M8Y
#
_entry.id   2M8Y
#
_entity_poly.entity_id   1
_entity_poly.type   'polydeoxyribonucleotide'
_entity_poly.pdbx_seq_one_letter_code
;(DC)(DG)(DC)(DG)(DA)(DA)(DG)(DC)(DA)(DT)(DT)(DC)(DG)(DC)(DG)
;
_entity_poly.pdbx_strand_id   A
#